data_1T73
#
_entry.id   1T73
#
_cell.length_a   54.323
_cell.length_b   66.592
_cell.length_c   70.223
_cell.angle_alpha   90.00
_cell.angle_beta   90.00
_cell.angle_gamma   90.00
#
_symmetry.space_group_name_H-M   'P 21 21 21'
#
loop_
_entity.id
_entity.type
_entity.pdbx_description
1 polymer 'Androgen receptor'
2 polymer 'FxxFF motif peptide'
3 non-polymer 'SULFATE ION'
4 non-polymer 5-ALPHA-DIHYDROTESTOSTERONE
5 water water
#
loop_
_entity_poly.entity_id
_entity_poly.type
_entity_poly.pdbx_seq_one_letter_code
_entity_poly.pdbx_strand_id
1 'polypeptide(L)'
;GSPGISGGGGGSHIEGYECQPIFLNVLEAIEPGVVCAGHDNNQPDSFAALLSSLNELGERQLVHVVKWAKALPGFRNLHV
DDQMAVIQYSWMGLMVFAMGWRSFTNVNSRMLYFAPDLVFNEYRMHKSRMYSQCVRMRHLSQEFGWLQITPQEFLCMKAL
LLFSIIPVDGLKNQKFFDELRMNYIKELDRIIACKRKNPTSCSRRFYQLTKLLDSVQPIARELHQFTFDLLIKSHMVSVD
FPEMMAEIISVQVPKILSGKVKPIYFHTQ
;
A
2 'polypeptide(L)' SRFADFFRNEGLGSRSGSGK B
#
loop_
_chem_comp.id
_chem_comp.type
_chem_comp.name
_chem_comp.formula
DHT non-polymer 5-ALPHA-DIHYDROTESTOSTERONE 'C19 H30 O2'
SO4 non-polymer 'SULFATE ION' 'O4 S -2'
#
# COMPACT_ATOMS: atom_id res chain seq x y z
N CYS A 19 29.28 8.91 8.07
CA CYS A 19 28.89 7.55 7.64
C CYS A 19 28.06 7.62 6.35
N GLN A 20 27.54 6.47 5.92
CA GLN A 20 26.73 6.37 4.71
C GLN A 20 25.37 5.71 4.95
N PRO A 21 24.27 6.44 4.66
CA PRO A 21 22.94 5.87 4.85
C PRO A 21 22.64 4.89 3.72
N ILE A 22 23.30 3.73 3.79
CA ILE A 22 23.16 2.68 2.79
C ILE A 22 21.71 2.26 2.57
N PHE A 23 21.03 1.91 3.65
CA PHE A 23 19.63 1.47 3.58
C PHE A 23 18.74 2.53 2.96
N LEU A 24 18.86 3.76 3.46
CA LEU A 24 18.05 4.86 2.97
C LEU A 24 18.42 5.23 1.52
N ASN A 25 19.70 5.12 1.18
CA ASN A 25 20.14 5.41 -0.18
C ASN A 25 19.42 4.46 -1.14
N VAL A 26 19.21 3.24 -0.69
CA VAL A 26 18.54 2.24 -1.51
C VAL A 26 17.05 2.50 -1.70
N LEU A 27 16.33 2.70 -0.61
CA LEU A 27 14.91 2.94 -0.67
C LEU A 27 14.62 4.14 -1.55
N GLU A 28 15.42 5.19 -1.37
CA GLU A 28 15.30 6.40 -2.16
C GLU A 28 15.54 6.10 -3.64
N ALA A 29 16.62 5.35 -3.91
CA ALA A 29 16.97 5.02 -5.29
C ALA A 29 15.93 4.18 -6.01
N ILE A 30 15.29 3.25 -5.31
CA ILE A 30 14.32 2.38 -5.95
C ILE A 30 12.85 2.86 -5.94
N GLU A 31 12.59 4.00 -5.31
CA GLU A 31 11.22 4.53 -5.23
C GLU A 31 10.61 4.78 -6.62
N PRO A 32 9.49 4.11 -6.93
CA PRO A 32 8.80 4.26 -8.22
C PRO A 32 8.54 5.70 -8.61
N GLY A 33 8.52 5.95 -9.92
CA GLY A 33 8.24 7.30 -10.38
C GLY A 33 6.73 7.51 -10.48
N VAL A 34 6.34 8.55 -11.22
CA VAL A 34 4.94 8.90 -11.41
C VAL A 34 4.20 7.88 -12.28
N VAL A 35 2.99 7.53 -11.87
CA VAL A 35 2.18 6.58 -12.63
C VAL A 35 0.81 7.19 -12.88
N CYS A 36 0.44 7.30 -14.16
CA CYS A 36 -0.86 7.86 -14.52
C CYS A 36 -1.86 6.73 -14.73
N ALA A 37 -3.14 7.05 -14.60
CA ALA A 37 -4.20 6.06 -14.76
C ALA A 37 -4.78 6.07 -16.16
N GLY A 38 -4.50 7.14 -16.91
CA GLY A 38 -5.01 7.24 -18.26
C GLY A 38 -6.50 7.54 -18.27
N HIS A 39 -6.97 8.24 -17.24
CA HIS A 39 -8.39 8.59 -17.11
C HIS A 39 -8.80 9.76 -18.00
N ASP A 40 -9.99 9.68 -18.61
CA ASP A 40 -10.48 10.75 -19.46
C ASP A 40 -11.22 11.76 -18.59
N ASN A 41 -10.54 12.85 -18.25
CA ASN A 41 -11.12 13.89 -17.41
C ASN A 41 -12.06 14.81 -18.19
N ASN A 42 -12.12 14.61 -19.50
CA ASN A 42 -12.98 15.42 -20.35
C ASN A 42 -14.38 14.78 -20.41
N GLN A 43 -14.56 13.68 -19.70
CA GLN A 43 -15.84 12.97 -19.68
C GLN A 43 -16.50 13.08 -18.30
N PRO A 44 -17.84 13.26 -18.27
CA PRO A 44 -18.57 13.37 -17.01
C PRO A 44 -18.32 12.16 -16.12
N ASP A 45 -18.17 12.42 -14.82
CA ASP A 45 -17.93 11.35 -13.85
C ASP A 45 -19.05 10.34 -13.78
N SER A 46 -18.66 9.08 -13.67
CA SER A 46 -19.59 7.98 -13.57
C SER A 46 -18.90 6.89 -12.75
N PHE A 47 -19.69 6.15 -11.99
CA PHE A 47 -19.20 5.07 -11.17
C PHE A 47 -18.36 4.11 -12.01
N ALA A 48 -18.88 3.73 -13.17
CA ALA A 48 -18.18 2.79 -14.05
C ALA A 48 -16.86 3.33 -14.57
N ALA A 49 -16.86 4.56 -15.07
CA ALA A 49 -15.63 5.16 -15.61
C ALA A 49 -14.56 5.32 -14.54
N LEU A 50 -14.96 5.87 -13.39
CA LEU A 50 -14.08 6.10 -12.26
C LEU A 50 -13.50 4.81 -11.69
N LEU A 51 -14.37 3.84 -11.39
CA LEU A 51 -13.88 2.59 -10.85
C LEU A 51 -13.02 1.84 -11.85
N SER A 52 -13.38 1.91 -13.13
CA SER A 52 -12.60 1.25 -14.17
C SER A 52 -11.23 1.92 -14.26
N SER A 53 -11.17 3.23 -14.04
CA SER A 53 -9.89 3.94 -14.10
C SER A 53 -9.03 3.61 -12.89
N LEU A 54 -9.66 3.42 -11.74
CA LEU A 54 -8.92 3.04 -10.53
C LEU A 54 -8.35 1.63 -10.72
N ASN A 55 -9.17 0.73 -11.28
CA ASN A 55 -8.74 -0.65 -11.52
C ASN A 55 -7.53 -0.72 -12.46
N GLU A 56 -7.53 0.09 -13.52
CA GLU A 56 -6.41 0.09 -14.45
C GLU A 56 -5.18 0.71 -13.78
N LEU A 57 -5.41 1.69 -12.91
CA LEU A 57 -4.31 2.32 -12.18
C LEU A 57 -3.70 1.27 -11.25
N GLY A 58 -4.55 0.40 -10.70
CA GLY A 58 -4.05 -0.65 -9.82
C GLY A 58 -3.17 -1.60 -10.60
N GLU A 59 -3.59 -1.95 -11.81
CA GLU A 59 -2.85 -2.85 -12.68
C GLU A 59 -1.47 -2.24 -12.99
N ARG A 60 -1.45 -0.96 -13.33
CA ARG A 60 -0.19 -0.28 -13.65
C ARG A 60 0.73 -0.16 -12.44
N GLN A 61 0.18 0.24 -11.30
CA GLN A 61 0.95 0.37 -10.07
C GLN A 61 1.51 -0.97 -9.62
N LEU A 62 0.72 -2.02 -9.80
CA LEU A 62 1.17 -3.34 -9.37
C LEU A 62 2.50 -3.69 -10.05
N VAL A 63 2.61 -3.35 -11.34
CA VAL A 63 3.83 -3.60 -12.09
C VAL A 63 5.01 -2.92 -11.39
N HIS A 64 4.81 -1.67 -10.99
CA HIS A 64 5.87 -0.93 -10.30
C HIS A 64 6.14 -1.47 -8.91
N VAL A 65 5.10 -1.96 -8.23
CA VAL A 65 5.28 -2.52 -6.89
C VAL A 65 6.13 -3.79 -6.98
N VAL A 66 5.86 -4.63 -7.99
CA VAL A 66 6.63 -5.86 -8.18
C VAL A 66 8.11 -5.52 -8.41
N LYS A 67 8.38 -4.56 -9.28
CA LYS A 67 9.75 -4.16 -9.58
C LYS A 67 10.45 -3.54 -8.37
N TRP A 68 9.71 -2.74 -7.60
CA TRP A 68 10.22 -2.10 -6.40
C TRP A 68 10.63 -3.15 -5.35
N ALA A 69 9.69 -4.03 -5.01
CA ALA A 69 9.90 -5.08 -4.02
C ALA A 69 11.10 -5.97 -4.32
N LYS A 70 11.15 -6.49 -5.54
CA LYS A 70 12.24 -7.36 -5.95
C LYS A 70 13.58 -6.67 -5.76
N ALA A 71 13.57 -5.34 -5.70
CA ALA A 71 14.80 -4.58 -5.53
C ALA A 71 15.11 -4.14 -4.08
N LEU A 72 14.25 -4.51 -3.14
CA LEU A 72 14.46 -4.15 -1.73
C LEU A 72 15.55 -5.00 -1.10
N PRO A 73 16.34 -4.41 -0.21
CA PRO A 73 17.42 -5.15 0.46
C PRO A 73 16.91 -6.43 1.14
N GLY A 74 17.49 -7.56 0.77
CA GLY A 74 17.12 -8.83 1.37
C GLY A 74 15.88 -9.51 0.82
N PHE A 75 15.12 -8.82 -0.01
CA PHE A 75 13.89 -9.40 -0.55
C PHE A 75 14.10 -10.76 -1.23
N ARG A 76 15.17 -10.91 -1.99
CA ARG A 76 15.44 -12.16 -2.70
C ARG A 76 15.80 -13.31 -1.76
N ASN A 77 15.91 -13.02 -0.46
CA ASN A 77 16.21 -14.05 0.52
C ASN A 77 14.97 -14.90 0.76
N LEU A 78 13.80 -14.31 0.51
CA LEU A 78 12.54 -15.01 0.69
C LEU A 78 12.37 -16.08 -0.36
N HIS A 79 11.61 -17.11 -0.04
CA HIS A 79 11.34 -18.17 -1.01
C HIS A 79 10.55 -17.48 -2.12
N VAL A 80 10.73 -17.93 -3.36
CA VAL A 80 10.02 -17.30 -4.48
C VAL A 80 8.50 -17.27 -4.26
N ASP A 81 7.95 -18.34 -3.72
CA ASP A 81 6.51 -18.38 -3.49
C ASP A 81 6.07 -17.33 -2.47
N ASP A 82 6.93 -17.07 -1.50
CA ASP A 82 6.64 -16.09 -0.45
C ASP A 82 6.77 -14.67 -0.98
N GLN A 83 7.73 -14.46 -1.89
CA GLN A 83 7.93 -13.15 -2.50
C GLN A 83 6.63 -12.74 -3.18
N MET A 84 6.05 -13.66 -3.94
CA MET A 84 4.80 -13.42 -4.64
C MET A 84 3.64 -13.23 -3.65
N ALA A 85 3.64 -14.03 -2.58
CA ALA A 85 2.60 -13.98 -1.57
C ALA A 85 2.51 -12.63 -0.85
N VAL A 86 3.62 -12.15 -0.31
CA VAL A 86 3.60 -10.87 0.40
C VAL A 86 3.12 -9.74 -0.47
N ILE A 87 3.50 -9.74 -1.76
CA ILE A 87 3.07 -8.69 -2.68
C ILE A 87 1.57 -8.82 -2.96
N GLN A 88 1.11 -10.05 -3.15
CA GLN A 88 -0.30 -10.29 -3.43
C GLN A 88 -1.20 -9.93 -2.26
N TYR A 89 -0.69 -10.05 -1.03
CA TYR A 89 -1.47 -9.72 0.15
C TYR A 89 -1.37 -8.26 0.54
N SER A 90 -0.19 -7.66 0.34
CA SER A 90 0.04 -6.28 0.74
C SER A 90 -0.16 -5.14 -0.27
N TRP A 91 -0.33 -5.43 -1.55
CA TRP A 91 -0.45 -4.34 -2.52
C TRP A 91 -1.46 -3.24 -2.16
N MET A 92 -2.59 -3.60 -1.57
CA MET A 92 -3.59 -2.60 -1.22
C MET A 92 -3.09 -1.59 -0.21
N GLY A 93 -2.53 -2.07 0.90
CA GLY A 93 -2.02 -1.18 1.93
C GLY A 93 -0.88 -0.34 1.40
N LEU A 94 0.03 -0.98 0.65
CA LEU A 94 1.15 -0.28 0.06
C LEU A 94 0.68 0.87 -0.85
N MET A 95 -0.24 0.56 -1.76
CA MET A 95 -0.75 1.56 -2.70
C MET A 95 -1.54 2.67 -2.01
N VAL A 96 -2.27 2.33 -0.97
CA VAL A 96 -3.06 3.30 -0.23
C VAL A 96 -2.13 4.23 0.53
N PHE A 97 -1.09 3.65 1.11
CA PHE A 97 -0.11 4.43 1.88
C PHE A 97 0.61 5.43 0.97
N ALA A 98 1.09 4.95 -0.16
CA ALA A 98 1.80 5.83 -1.09
C ALA A 98 0.87 6.91 -1.62
N MET A 99 -0.40 6.56 -1.79
CA MET A 99 -1.38 7.52 -2.29
C MET A 99 -1.66 8.61 -1.25
N GLY A 100 -1.64 8.22 0.03
CA GLY A 100 -1.87 9.18 1.09
C GLY A 100 -0.76 10.20 1.17
N TRP A 101 0.47 9.73 0.96
CA TRP A 101 1.65 10.58 0.98
C TRP A 101 1.61 11.54 -0.22
N ARG A 102 1.25 11.03 -1.39
CA ARG A 102 1.15 11.86 -2.59
C ARG A 102 0.13 12.97 -2.37
N SER A 103 -1.00 12.61 -1.77
CA SER A 103 -2.06 13.57 -1.49
C SER A 103 -1.54 14.65 -0.55
N PHE A 104 -0.84 14.22 0.49
CA PHE A 104 -0.27 15.11 1.48
C PHE A 104 0.73 16.10 0.87
N THR A 105 1.64 15.60 0.04
CA THR A 105 2.66 16.45 -0.55
C THR A 105 2.28 17.19 -1.83
N ASN A 106 1.22 16.77 -2.51
CA ASN A 106 0.83 17.44 -3.76
C ASN A 106 -0.28 18.46 -3.59
N VAL A 107 -1.35 18.07 -2.91
CA VAL A 107 -2.48 18.97 -2.68
C VAL A 107 -2.76 19.12 -1.20
N ASN A 108 -1.77 18.75 -0.38
CA ASN A 108 -1.88 18.84 1.06
C ASN A 108 -3.12 18.17 1.66
N SER A 109 -3.40 16.95 1.20
CA SER A 109 -4.54 16.19 1.71
C SER A 109 -5.91 16.77 1.37
N ARG A 110 -5.95 17.87 0.63
CA ARG A 110 -7.23 18.47 0.27
C ARG A 110 -8.06 17.52 -0.59
N MET A 111 -7.38 16.69 -1.36
CA MET A 111 -8.03 15.72 -2.23
C MET A 111 -7.16 14.48 -2.33
N LEU A 112 -7.76 13.37 -2.77
CA LEU A 112 -7.03 12.12 -2.92
C LEU A 112 -6.37 12.09 -4.29
N TYR A 113 -5.04 12.20 -4.28
CA TYR A 113 -4.23 12.21 -5.50
C TYR A 113 -3.82 10.81 -5.93
N PHE A 114 -4.76 10.06 -6.49
CA PHE A 114 -4.48 8.69 -6.95
C PHE A 114 -3.41 8.71 -8.05
N ALA A 115 -3.59 9.61 -9.02
CA ALA A 115 -2.65 9.79 -10.13
C ALA A 115 -2.81 11.24 -10.59
N PRO A 116 -1.85 11.75 -11.36
CA PRO A 116 -1.95 13.14 -11.83
C PRO A 116 -3.24 13.39 -12.60
N ASP A 117 -3.75 12.33 -13.21
CA ASP A 117 -4.97 12.41 -14.02
C ASP A 117 -6.16 11.74 -13.37
N LEU A 118 -6.06 11.51 -12.06
CA LEU A 118 -7.16 10.89 -11.33
C LEU A 118 -7.10 11.40 -9.89
N VAL A 119 -7.50 12.65 -9.73
CA VAL A 119 -7.51 13.33 -8.43
C VAL A 119 -8.96 13.44 -7.97
N PHE A 120 -9.27 12.81 -6.85
CA PHE A 120 -10.64 12.83 -6.33
C PHE A 120 -11.01 14.01 -5.45
N ASN A 121 -12.11 14.66 -5.80
CA ASN A 121 -12.64 15.74 -4.98
C ASN A 121 -13.86 15.10 -4.32
N GLU A 122 -14.58 15.84 -3.49
CA GLU A 122 -15.76 15.30 -2.81
C GLU A 122 -16.76 14.66 -3.76
N TYR A 123 -16.98 15.31 -4.90
CA TYR A 123 -17.94 14.81 -5.86
C TYR A 123 -17.55 13.42 -6.37
N ARG A 124 -16.27 13.23 -6.70
CA ARG A 124 -15.82 11.93 -7.20
C ARG A 124 -15.79 10.90 -6.08
N MET A 125 -15.51 11.36 -4.87
CA MET A 125 -15.50 10.45 -3.72
C MET A 125 -16.89 9.86 -3.57
N HIS A 126 -17.91 10.66 -3.89
CA HIS A 126 -19.29 10.21 -3.77
C HIS A 126 -19.76 9.42 -4.99
N LYS A 127 -19.34 9.84 -6.17
CA LYS A 127 -19.74 9.13 -7.39
C LYS A 127 -19.15 7.73 -7.45
N SER A 128 -18.00 7.55 -6.79
CA SER A 128 -17.30 6.26 -6.75
C SER A 128 -17.99 5.25 -5.86
N ARG A 129 -18.96 5.71 -5.07
CA ARG A 129 -19.69 4.85 -4.15
C ARG A 129 -18.82 4.30 -3.01
N MET A 130 -17.69 4.97 -2.73
CA MET A 130 -16.82 4.57 -1.64
C MET A 130 -16.34 5.79 -0.88
N TYR A 131 -17.30 6.68 -0.61
CA TYR A 131 -17.04 7.91 0.10
C TYR A 131 -16.48 7.66 1.50
N SER A 132 -17.10 6.75 2.25
CA SER A 132 -16.64 6.47 3.60
C SER A 132 -15.18 6.00 3.60
N GLN A 133 -14.86 5.09 2.68
CA GLN A 133 -13.49 4.60 2.61
C GLN A 133 -12.57 5.75 2.20
N CYS A 134 -13.06 6.62 1.32
CA CYS A 134 -12.25 7.77 0.87
C CYS A 134 -11.94 8.73 2.02
N VAL A 135 -12.91 8.94 2.91
CA VAL A 135 -12.71 9.84 4.04
C VAL A 135 -11.57 9.33 4.92
N ARG A 136 -11.54 8.02 5.15
CA ARG A 136 -10.47 7.45 5.96
C ARG A 136 -9.12 7.64 5.28
N MET A 137 -9.07 7.41 3.97
CA MET A 137 -7.83 7.60 3.23
C MET A 137 -7.41 9.07 3.31
N ARG A 138 -8.37 9.99 3.24
CA ARG A 138 -8.03 11.41 3.33
C ARG A 138 -7.50 11.71 4.73
N HIS A 139 -8.05 11.04 5.73
CA HIS A 139 -7.63 11.22 7.11
C HIS A 139 -6.19 10.73 7.25
N LEU A 140 -5.92 9.53 6.77
CA LEU A 140 -4.58 8.98 6.81
C LEU A 140 -3.64 9.99 6.17
N SER A 141 -4.06 10.51 5.02
CA SER A 141 -3.27 11.51 4.30
C SER A 141 -2.94 12.69 5.20
N GLN A 142 -3.90 13.11 6.02
CA GLN A 142 -3.70 14.23 6.92
C GLN A 142 -2.74 13.86 8.05
N GLU A 143 -2.74 12.59 8.44
CA GLU A 143 -1.84 12.14 9.48
C GLU A 143 -0.40 12.47 9.09
N PHE A 144 -0.09 12.36 7.79
CA PHE A 144 1.25 12.66 7.31
C PHE A 144 1.65 14.08 7.68
N GLY A 145 0.67 14.97 7.65
CA GLY A 145 0.92 16.36 8.00
C GLY A 145 0.90 16.58 9.50
N TRP A 146 -0.12 16.05 10.16
CA TRP A 146 -0.25 16.19 11.61
C TRP A 146 0.99 15.68 12.35
N LEU A 147 1.51 14.52 11.92
CA LEU A 147 2.69 13.95 12.56
C LEU A 147 4.01 14.45 11.99
N GLN A 148 3.94 15.26 10.94
CA GLN A 148 5.14 15.77 10.31
C GLN A 148 6.03 14.61 9.84
N ILE A 149 5.44 13.65 9.16
CA ILE A 149 6.20 12.50 8.65
C ILE A 149 7.24 12.97 7.64
N THR A 150 8.49 12.59 7.86
CA THR A 150 9.56 12.96 6.95
C THR A 150 9.61 11.99 5.78
N PRO A 151 10.12 12.45 4.63
CA PRO A 151 10.24 11.65 3.41
C PRO A 151 10.93 10.32 3.66
N GLN A 152 11.90 10.35 4.57
CA GLN A 152 12.66 9.16 4.94
C GLN A 152 11.84 8.20 5.81
N GLU A 153 11.03 8.74 6.72
CA GLU A 153 10.20 7.90 7.56
C GLU A 153 9.14 7.25 6.66
N PHE A 154 8.65 8.02 5.68
CA PHE A 154 7.66 7.49 4.74
C PHE A 154 8.21 6.29 3.99
N LEU A 155 9.42 6.44 3.44
CA LEU A 155 10.06 5.36 2.71
C LEU A 155 10.21 4.07 3.50
N CYS A 156 10.73 4.17 4.72
CA CYS A 156 10.93 2.96 5.54
C CYS A 156 9.61 2.38 6.00
N MET A 157 8.64 3.23 6.33
CA MET A 157 7.35 2.74 6.77
C MET A 157 6.70 1.97 5.64
N LYS A 158 6.79 2.50 4.42
CA LYS A 158 6.20 1.84 3.27
C LYS A 158 6.84 0.47 3.04
N ALA A 159 8.17 0.39 3.16
CA ALA A 159 8.85 -0.89 2.99
C ALA A 159 8.32 -1.90 4.01
N LEU A 160 8.16 -1.46 5.25
CA LEU A 160 7.67 -2.34 6.31
C LEU A 160 6.23 -2.83 6.04
N LEU A 161 5.46 -2.06 5.29
CA LEU A 161 4.10 -2.47 4.95
C LEU A 161 4.08 -3.72 4.07
N LEU A 162 5.14 -3.96 3.30
CA LEU A 162 5.18 -5.13 2.44
C LEU A 162 5.32 -6.43 3.26
N PHE A 163 5.81 -6.30 4.48
CA PHE A 163 6.01 -7.45 5.37
C PHE A 163 5.06 -7.35 6.56
N SER A 164 3.87 -6.80 6.33
CA SER A 164 2.91 -6.61 7.41
C SER A 164 1.62 -7.43 7.35
N ILE A 165 1.57 -8.45 6.49
CA ILE A 165 0.39 -9.31 6.40
C ILE A 165 0.78 -10.69 5.89
N ILE A 166 0.48 -11.71 6.69
CA ILE A 166 0.83 -13.10 6.37
C ILE A 166 -0.29 -14.10 6.71
N PRO A 167 -0.22 -15.31 6.12
CA PRO A 167 -1.25 -16.32 6.40
C PRO A 167 -1.05 -16.88 7.81
N VAL A 168 -2.14 -17.11 8.52
CA VAL A 168 -2.04 -17.65 9.88
C VAL A 168 -1.24 -18.95 9.88
N ASP A 169 -1.34 -19.71 8.80
CA ASP A 169 -0.63 -20.98 8.65
C ASP A 169 0.85 -20.78 8.31
N GLY A 170 1.31 -19.53 8.35
CA GLY A 170 2.70 -19.24 8.05
C GLY A 170 3.05 -19.32 6.57
N LEU A 171 4.24 -18.83 6.23
CA LEU A 171 4.73 -18.83 4.86
C LEU A 171 5.54 -20.09 4.56
N LYS A 172 6.00 -20.23 3.32
CA LYS A 172 6.79 -21.38 2.93
C LYS A 172 8.03 -21.41 3.82
N ASN A 173 8.73 -20.30 3.89
CA ASN A 173 9.91 -20.21 4.75
C ASN A 173 9.72 -19.02 5.67
N GLN A 174 8.93 -19.23 6.72
CA GLN A 174 8.61 -18.22 7.72
C GLN A 174 9.82 -17.58 8.40
N LYS A 175 10.84 -18.39 8.70
CA LYS A 175 12.03 -17.85 9.36
C LYS A 175 12.71 -16.73 8.58
N PHE A 176 12.88 -16.91 7.27
CA PHE A 176 13.50 -15.87 6.46
C PHE A 176 12.64 -14.60 6.47
N PHE A 177 11.32 -14.77 6.51
CA PHE A 177 10.42 -13.63 6.55
C PHE A 177 10.55 -12.87 7.88
N ASP A 178 10.57 -13.62 8.98
CA ASP A 178 10.68 -13.04 10.30
C ASP A 178 11.97 -12.24 10.43
N GLU A 179 13.05 -12.78 9.87
CA GLU A 179 14.35 -12.15 9.89
C GLU A 179 14.30 -10.83 9.11
N LEU A 180 13.66 -10.87 7.95
CA LEU A 180 13.54 -9.70 7.10
C LEU A 180 12.71 -8.61 7.78
N ARG A 181 11.53 -8.98 8.27
CA ARG A 181 10.66 -8.00 8.94
C ARG A 181 11.38 -7.36 10.14
N MET A 182 12.07 -8.16 10.93
CA MET A 182 12.79 -7.64 12.09
C MET A 182 13.82 -6.60 11.68
N ASN A 183 14.56 -6.89 10.62
CA ASN A 183 15.57 -5.96 10.14
C ASN A 183 14.99 -4.65 9.66
N TYR A 184 13.79 -4.68 9.08
CA TYR A 184 13.17 -3.45 8.61
C TYR A 184 12.63 -2.64 9.79
N ILE A 185 12.28 -3.31 10.88
CA ILE A 185 11.81 -2.59 12.05
C ILE A 185 13.04 -1.91 12.65
N LYS A 186 14.15 -2.63 12.69
CA LYS A 186 15.40 -2.08 13.19
C LYS A 186 15.78 -0.81 12.44
N GLU A 187 15.64 -0.84 11.12
CA GLU A 187 15.98 0.32 10.30
C GLU A 187 15.07 1.50 10.62
N LEU A 188 13.78 1.23 10.80
CA LEU A 188 12.83 2.30 11.11
C LEU A 188 13.23 2.91 12.45
N ASP A 189 13.69 2.06 13.35
CA ASP A 189 14.09 2.49 14.69
C ASP A 189 15.32 3.41 14.64
N ARG A 190 16.27 3.14 13.75
CA ARG A 190 17.47 3.98 13.67
C ARG A 190 17.22 5.28 12.91
N ILE A 191 16.20 5.30 12.05
CA ILE A 191 15.86 6.48 11.30
C ILE A 191 15.28 7.48 12.31
N ILE A 192 14.68 6.94 13.35
CA ILE A 192 14.08 7.72 14.42
C ILE A 192 15.13 8.29 15.36
N ALA A 193 16.25 7.58 15.51
CA ALA A 193 17.32 8.01 16.41
C ALA A 193 18.48 8.71 15.73
N CYS A 194 18.26 9.20 14.51
CA CYS A 194 19.31 9.90 13.77
C CYS A 194 19.60 11.25 14.40
N LYS A 195 18.58 12.12 14.41
CA LYS A 195 18.71 13.45 14.98
C LYS A 195 18.34 13.47 16.47
N ARG A 196 17.40 12.60 16.85
CA ARG A 196 16.97 12.53 18.25
C ARG A 196 18.09 11.94 19.10
N LYS A 197 18.34 12.55 20.24
CA LYS A 197 19.39 12.09 21.15
C LYS A 197 18.77 11.82 22.53
N ASN A 198 17.45 11.75 22.55
CA ASN A 198 16.69 11.51 23.78
C ASN A 198 15.84 10.24 23.66
N PRO A 199 15.84 9.39 24.70
CA PRO A 199 15.08 8.14 24.71
C PRO A 199 13.57 8.30 24.63
N THR A 200 12.99 9.09 25.55
CA THR A 200 11.56 9.32 25.55
C THR A 200 11.11 9.94 24.24
N SER A 201 12.06 10.54 23.52
CA SER A 201 11.78 11.16 22.24
C SER A 201 11.63 10.06 21.18
N CYS A 202 12.65 9.21 21.08
CA CYS A 202 12.64 8.11 20.12
C CYS A 202 11.46 7.19 20.44
N SER A 203 11.25 6.93 21.73
CA SER A 203 10.17 6.08 22.18
C SER A 203 8.82 6.63 21.72
N ARG A 204 8.63 7.94 21.87
CA ARG A 204 7.37 8.58 21.46
C ARG A 204 7.15 8.46 19.95
N ARG A 205 8.20 8.74 19.18
CA ARG A 205 8.12 8.69 17.73
C ARG A 205 7.78 7.27 17.23
N PHE A 206 8.49 6.28 17.76
CA PHE A 206 8.25 4.89 17.36
C PHE A 206 6.80 4.55 17.62
N TYR A 207 6.29 5.02 18.75
CA TYR A 207 4.91 4.76 19.12
C TYR A 207 3.95 5.32 18.08
N GLN A 208 4.16 6.59 17.70
CA GLN A 208 3.31 7.25 16.72
C GLN A 208 3.30 6.60 15.35
N LEU A 209 4.47 6.19 14.88
CA LEU A 209 4.59 5.56 13.57
C LEU A 209 3.96 4.18 13.52
N THR A 210 4.20 3.36 14.54
CA THR A 210 3.62 2.03 14.57
C THR A 210 2.10 2.17 14.62
N LYS A 211 1.62 3.16 15.37
CA LYS A 211 0.19 3.42 15.43
C LYS A 211 -0.30 3.80 14.04
N LEU A 212 0.49 4.62 13.35
CA LEU A 212 0.13 5.04 12.01
C LEU A 212 0.10 3.85 11.04
N LEU A 213 1.12 3.00 11.12
CA LEU A 213 1.19 1.82 10.26
C LEU A 213 -0.01 0.90 10.49
N ASP A 214 -0.42 0.77 11.75
CA ASP A 214 -1.56 -0.05 12.10
C ASP A 214 -2.85 0.47 11.46
N SER A 215 -3.03 1.78 11.43
CA SER A 215 -4.24 2.38 10.87
C SER A 215 -4.44 2.10 9.37
N VAL A 216 -3.38 1.76 8.68
CA VAL A 216 -3.49 1.44 7.26
C VAL A 216 -4.27 0.15 7.06
N GLN A 217 -4.10 -0.78 8.00
CA GLN A 217 -4.73 -2.09 7.91
C GLN A 217 -6.26 -2.10 7.85
N PRO A 218 -6.94 -1.38 8.75
CA PRO A 218 -8.40 -1.37 8.71
C PRO A 218 -8.90 -0.77 7.38
N ILE A 219 -8.19 0.23 6.88
CA ILE A 219 -8.53 0.89 5.62
C ILE A 219 -8.40 -0.10 4.44
N ALA A 220 -7.29 -0.84 4.41
CA ALA A 220 -7.08 -1.83 3.35
C ALA A 220 -8.16 -2.90 3.40
N ARG A 221 -8.54 -3.31 4.61
CA ARG A 221 -9.59 -4.32 4.80
C ARG A 221 -10.90 -3.89 4.10
N GLU A 222 -11.33 -2.66 4.38
CA GLU A 222 -12.55 -2.12 3.78
C GLU A 222 -12.47 -2.09 2.25
N LEU A 223 -11.33 -1.68 1.72
CA LEU A 223 -11.14 -1.62 0.27
C LEU A 223 -11.09 -3.03 -0.29
N HIS A 224 -10.56 -3.98 0.49
CA HIS A 224 -10.51 -5.37 0.06
C HIS A 224 -11.94 -5.89 -0.10
N GLN A 225 -12.77 -5.60 0.90
CA GLN A 225 -14.16 -6.06 0.87
C GLN A 225 -14.87 -5.39 -0.29
N PHE A 226 -14.65 -4.09 -0.43
CA PHE A 226 -15.28 -3.32 -1.50
C PHE A 226 -14.87 -3.77 -2.90
N THR A 227 -13.57 -4.00 -3.13
CA THR A 227 -13.19 -4.42 -4.48
C THR A 227 -13.64 -5.85 -4.76
N PHE A 228 -13.71 -6.67 -3.72
CA PHE A 228 -14.15 -8.06 -3.86
C PHE A 228 -15.62 -8.07 -4.32
N ASP A 229 -16.48 -7.37 -3.58
CA ASP A 229 -17.89 -7.33 -3.94
C ASP A 229 -18.07 -6.75 -5.34
N LEU A 230 -17.22 -5.78 -5.70
CA LEU A 230 -17.31 -5.18 -7.01
C LEU A 230 -16.92 -6.16 -8.11
N LEU A 231 -15.90 -6.98 -7.86
CA LEU A 231 -15.48 -7.97 -8.84
C LEU A 231 -16.66 -8.92 -9.12
N ILE A 232 -17.25 -9.43 -8.05
CA ILE A 232 -18.38 -10.35 -8.15
C ILE A 232 -19.50 -9.86 -9.07
N LYS A 233 -19.83 -8.57 -9.01
CA LYS A 233 -20.91 -8.06 -9.87
C LYS A 233 -20.48 -6.93 -10.81
N SER A 234 -19.22 -6.95 -11.22
CA SER A 234 -18.66 -5.95 -12.12
C SER A 234 -19.37 -5.91 -13.47
N HIS A 235 -19.74 -7.09 -13.95
CA HIS A 235 -20.43 -7.23 -15.23
C HIS A 235 -21.78 -6.53 -15.26
N MET A 236 -22.39 -6.39 -14.09
CA MET A 236 -23.69 -5.75 -13.97
C MET A 236 -23.59 -4.22 -13.90
N VAL A 237 -22.42 -3.71 -13.54
CA VAL A 237 -22.25 -2.27 -13.41
C VAL A 237 -21.22 -1.70 -14.37
N SER A 238 -20.88 -2.47 -15.40
CA SER A 238 -19.93 -2.04 -16.42
C SER A 238 -18.56 -1.63 -15.90
N VAL A 239 -18.06 -2.32 -14.88
CA VAL A 239 -16.75 -2.03 -14.33
C VAL A 239 -15.76 -3.07 -14.85
N ASP A 240 -14.66 -2.60 -15.40
CA ASP A 240 -13.65 -3.49 -15.95
C ASP A 240 -12.48 -3.73 -15.00
N PHE A 241 -12.16 -5.01 -14.80
CA PHE A 241 -11.04 -5.40 -13.95
C PHE A 241 -9.96 -5.99 -14.85
N PRO A 242 -8.74 -5.42 -14.82
CA PRO A 242 -7.65 -5.94 -15.64
C PRO A 242 -7.27 -7.37 -15.21
N GLU A 243 -6.47 -8.02 -16.05
CA GLU A 243 -6.02 -9.40 -15.82
C GLU A 243 -5.50 -9.74 -14.43
N MET A 244 -4.40 -9.11 -14.02
CA MET A 244 -3.79 -9.36 -12.72
C MET A 244 -4.67 -8.97 -11.54
N MET A 245 -5.46 -7.92 -11.70
CA MET A 245 -6.36 -7.49 -10.63
C MET A 245 -7.43 -8.55 -10.40
N ALA A 246 -8.10 -8.96 -11.47
CA ALA A 246 -9.16 -9.96 -11.38
C ALA A 246 -8.68 -11.24 -10.70
N GLU A 247 -7.51 -11.72 -11.10
CA GLU A 247 -6.94 -12.94 -10.55
C GLU A 247 -6.62 -12.83 -9.06
N ILE A 248 -5.89 -11.79 -8.69
CA ILE A 248 -5.51 -11.59 -7.30
C ILE A 248 -6.72 -11.39 -6.40
N ILE A 249 -7.68 -10.62 -6.86
CA ILE A 249 -8.86 -10.32 -6.06
C ILE A 249 -9.78 -11.51 -5.82
N SER A 250 -9.73 -12.51 -6.69
CA SER A 250 -10.58 -13.69 -6.53
C SER A 250 -9.84 -14.89 -5.93
N VAL A 251 -8.52 -14.85 -5.93
CA VAL A 251 -7.76 -15.96 -5.38
C VAL A 251 -7.09 -15.61 -4.07
N GLN A 252 -6.51 -14.41 -4.00
CA GLN A 252 -5.79 -13.98 -2.80
C GLN A 252 -6.62 -13.18 -1.81
N VAL A 253 -7.31 -12.17 -2.30
CA VAL A 253 -8.11 -11.32 -1.42
C VAL A 253 -9.10 -12.10 -0.54
N PRO A 254 -9.79 -13.11 -1.12
CA PRO A 254 -10.75 -13.88 -0.29
C PRO A 254 -10.07 -14.51 0.92
N LYS A 255 -8.86 -15.01 0.73
CA LYS A 255 -8.09 -15.61 1.82
C LYS A 255 -7.97 -14.62 2.96
N ILE A 256 -7.95 -13.34 2.62
CA ILE A 256 -7.83 -12.31 3.65
C ILE A 256 -9.19 -12.09 4.32
N LEU A 257 -10.22 -11.94 3.49
CA LEU A 257 -11.56 -11.70 4.00
C LEU A 257 -12.11 -12.83 4.85
N SER A 258 -11.70 -14.07 4.56
CA SER A 258 -12.16 -15.24 5.30
C SER A 258 -11.28 -15.56 6.52
N GLY A 259 -10.36 -14.66 6.86
CA GLY A 259 -9.51 -14.86 8.02
C GLY A 259 -8.28 -15.76 7.90
N LYS A 260 -8.04 -16.31 6.72
CA LYS A 260 -6.90 -17.18 6.50
C LYS A 260 -5.56 -16.43 6.49
N VAL A 261 -5.63 -15.17 6.08
CA VAL A 261 -4.47 -14.28 6.01
C VAL A 261 -4.79 -13.04 6.83
N LYS A 262 -3.91 -12.68 7.75
CA LYS A 262 -4.14 -11.54 8.60
C LYS A 262 -2.96 -10.57 8.68
N PRO A 263 -3.26 -9.29 8.98
CA PRO A 263 -2.24 -8.25 9.10
C PRO A 263 -1.51 -8.43 10.43
N ILE A 264 -0.31 -7.89 10.52
CA ILE A 264 0.47 -7.96 11.74
C ILE A 264 0.34 -6.57 12.37
N TYR A 265 -0.33 -6.51 13.52
CA TYR A 265 -0.50 -5.24 14.21
C TYR A 265 0.55 -5.10 15.31
N PHE A 266 1.07 -3.88 15.48
CA PHE A 266 2.04 -3.59 16.51
C PHE A 266 1.33 -3.57 17.86
N HIS A 267 0.22 -2.85 17.89
CA HIS A 267 -0.62 -2.72 19.07
C HIS A 267 -1.85 -3.55 18.71
N THR A 268 -2.63 -3.97 19.70
CA THR A 268 -3.81 -4.77 19.38
C THR A 268 -5.13 -4.04 19.52
N SER B 1 0.55 -17.18 -14.69
CA SER B 1 -0.12 -15.93 -15.16
C SER B 1 0.91 -14.82 -15.38
N ARG B 2 0.45 -13.65 -15.82
CA ARG B 2 1.35 -12.54 -16.06
C ARG B 2 2.06 -12.15 -14.75
N PHE B 3 1.33 -12.21 -13.64
CA PHE B 3 1.90 -11.87 -12.35
C PHE B 3 2.99 -12.88 -12.01
N ALA B 4 2.66 -14.16 -12.13
CA ALA B 4 3.62 -15.24 -11.86
C ALA B 4 4.84 -15.15 -12.77
N ASP B 5 4.64 -14.71 -14.01
CA ASP B 5 5.74 -14.59 -14.96
C ASP B 5 6.80 -13.61 -14.49
N PHE B 6 6.43 -12.74 -13.56
CA PHE B 6 7.36 -11.75 -13.02
C PHE B 6 8.41 -12.41 -12.14
N PHE B 7 8.14 -13.62 -11.68
CA PHE B 7 9.08 -14.33 -10.82
C PHE B 7 9.43 -15.65 -11.48
N ARG B 8 8.90 -15.85 -12.67
CA ARG B 8 9.10 -17.07 -13.42
C ARG B 8 9.47 -16.74 -14.86
S SO4 C . -23.26 6.86 -11.95
O1 SO4 C . -21.91 6.87 -11.31
O2 SO4 C . -23.19 7.65 -13.23
O3 SO4 C . -24.24 7.50 -11.01
O4 SO4 C . -23.73 5.46 -12.19
C1 DHT D . -5.04 2.32 -7.03
C2 DHT D . -3.63 2.85 -6.71
C3 DHT D . -3.78 3.91 -5.58
O3 DHT D . -3.23 4.99 -5.73
C4 DHT D . -4.61 3.54 -4.38
C5 DHT D . -6.02 3.04 -4.78
C6 DHT D . -6.89 2.64 -3.54
C7 DHT D . -8.28 2.18 -4.01
C8 DHT D . -8.22 0.97 -5.01
C9 DHT D . -7.34 1.38 -6.24
C10 DHT D . -5.87 1.83 -5.81
C11 DHT D . -7.32 0.17 -7.25
C12 DHT D . -8.68 -0.36 -7.70
C13 DHT D . -9.64 -0.65 -6.52
C14 DHT D . -9.63 0.56 -5.52
C15 DHT D . -10.67 0.11 -4.48
C16 DHT D . -11.82 -0.42 -5.39
C17 DHT D . -11.15 -0.67 -6.77
O17 DHT D . -11.63 -1.91 -7.32
C18 DHT D . -9.18 -2.00 -5.82
C19 DHT D . -5.15 0.59 -5.14
#